data_5KBD
#
_entry.id   5KBD
#
_cell.length_a   174.878
_cell.length_b   174.878
_cell.length_c   34.282
_cell.angle_alpha   90.00
_cell.angle_beta   90.00
_cell.angle_gamma   120.00
#
_symmetry.space_group_name_H-M   'P 61'
#
loop_
_entity.id
_entity.type
_entity.pdbx_description
1 polymer 'Tumor protein p73'
2 polymer "DNA (5'-D(P*GP*GP*AP*CP*AP*AP*GP*TP*CP*T)-3')"
3 polymer "DNA (5'-D(P*AP*GP*AP*CP*TP*TP*GP*TP*CP*C)-3')"
4 non-polymer 'ZINC ION'
#
loop_
_entity_poly.entity_id
_entity_poly.type
_entity_poly.pdbx_seq_one_letter_code
_entity_poly.pdbx_strand_id
1 'polypeptide(L)'
;HHHHHHHEFIPSNTDYPGPHHFEVTFQQSSTAKSATWTYSPLLKKLYCQIAKTCPIQIKVSTPPPPGTAIRAMPVYKKAE
HVTDVVKRCPNHELGRDFNEGQSAPASHLIRVEGNNLSQYVDDPVTGRQSVVVPYEPPQVGTEFTTILYNFMCNSSCVGG
MNRRPILIIITLEMRDGQVLGRRSFEGRICACPGRDRKADEDHYREQ
;
A,B
2 'polydeoxyribonucleotide' (DG)(DG)(DA)(DC)(DA)(DA)(DG)(DT)(DC)(DT) C
3 'polydeoxyribonucleotide' (DA)(DG)(DA)(DC)(DT)(DT)(DG)(DT)(DC)(DC) D
#
loop_
_chem_comp.id
_chem_comp.type
_chem_comp.name
_chem_comp.formula
DA DNA linking 2'-DEOXYADENOSINE-5'-MONOPHOSPHATE 'C10 H14 N5 O6 P'
DC DNA linking 2'-DEOXYCYTIDINE-5'-MONOPHOSPHATE 'C9 H14 N3 O7 P'
DG DNA linking 2'-DEOXYGUANOSINE-5'-MONOPHOSPHATE 'C10 H14 N5 O7 P'
DT DNA linking THYMIDINE-5'-MONOPHOSPHATE 'C10 H15 N2 O8 P'
ZN non-polymer 'ZINC ION' 'Zn 2'
#
# COMPACT_ATOMS: atom_id res chain seq x y z
N HIS A 7 -25.69 -1.37 18.11
CA HIS A 7 -26.77 -0.81 17.30
C HIS A 7 -26.49 0.66 16.99
N GLU A 8 -25.30 0.95 16.48
CA GLU A 8 -24.91 2.32 16.12
C GLU A 8 -24.08 2.24 14.84
N PHE A 9 -24.68 2.61 13.71
CA PHE A 9 -23.98 2.55 12.44
C PHE A 9 -22.98 3.70 12.31
N ILE A 10 -23.46 4.93 12.44
CA ILE A 10 -22.58 6.11 12.34
C ILE A 10 -22.30 6.61 13.75
N PRO A 11 -21.19 6.21 14.38
CA PRO A 11 -20.91 6.68 15.73
C PRO A 11 -20.84 8.19 15.78
N SER A 12 -21.55 8.78 16.73
CA SER A 12 -21.57 10.23 16.87
C SER A 12 -20.16 10.73 17.21
N ASN A 13 -19.73 11.79 16.52
CA ASN A 13 -18.39 12.34 16.66
C ASN A 13 -18.33 13.50 17.64
N THR A 14 -19.36 14.34 17.69
CA THR A 14 -19.34 15.54 18.52
C THR A 14 -19.02 15.20 19.97
N ASP A 15 -18.53 16.17 20.72
CA ASP A 15 -18.14 15.97 22.11
C ASP A 15 -19.36 15.90 23.02
N TYR A 16 -19.21 15.19 24.13
CA TYR A 16 -20.25 15.14 25.14
C TYR A 16 -19.63 14.79 26.49
N PRO A 17 -19.15 15.78 27.25
CA PRO A 17 -18.71 15.50 28.61
C PRO A 17 -19.79 14.78 29.41
N GLY A 18 -19.37 13.77 30.16
CA GLY A 18 -20.28 13.03 31.00
C GLY A 18 -20.43 13.70 32.36
N PRO A 19 -21.28 13.12 33.22
CA PRO A 19 -21.38 13.63 34.59
C PRO A 19 -20.11 13.43 35.40
N HIS A 20 -19.07 12.82 34.82
CA HIS A 20 -17.78 12.67 35.48
C HIS A 20 -16.73 13.61 34.90
N HIS A 21 -17.16 14.69 34.26
CA HIS A 21 -16.24 15.60 33.58
C HIS A 21 -15.27 14.81 32.71
N PHE A 22 -15.71 14.41 31.52
CA PHE A 22 -14.91 13.58 30.64
C PHE A 22 -14.07 14.46 29.73
N GLU A 23 -12.76 14.23 29.73
CA GLU A 23 -11.84 15.03 28.92
C GLU A 23 -10.48 14.36 28.91
N VAL A 24 -9.78 14.49 27.77
CA VAL A 24 -8.50 13.84 27.55
C VAL A 24 -7.43 14.91 27.32
N THR A 25 -6.23 14.61 27.81
CA THR A 25 -5.09 15.50 27.65
C THR A 25 -3.84 14.67 27.39
N PHE A 26 -2.73 15.36 27.15
CA PHE A 26 -1.47 14.73 26.78
C PHE A 26 -0.35 15.29 27.65
N GLN A 27 0.81 14.64 27.58
CA GLN A 27 1.89 14.90 28.53
C GLN A 27 2.86 15.96 28.01
N GLN A 28 4.00 15.52 27.49
CA GLN A 28 5.13 16.40 27.23
C GLN A 28 5.10 17.00 25.83
N SER A 29 4.67 16.23 24.84
CA SER A 29 4.63 16.68 23.45
C SER A 29 5.97 17.32 23.07
N SER A 30 7.01 16.50 23.12
CA SER A 30 8.36 16.94 22.79
C SER A 30 8.34 17.86 21.58
N THR A 31 8.37 19.17 21.84
CA THR A 31 8.14 20.16 20.79
C THR A 31 9.03 19.93 19.57
N ALA A 32 10.19 19.31 19.76
CA ALA A 32 11.08 19.03 18.64
C ALA A 32 10.36 18.25 17.55
N LYS A 33 10.76 18.49 16.31
CA LYS A 33 10.18 17.78 15.17
C LYS A 33 10.49 16.29 15.19
N SER A 34 11.42 15.85 16.04
CA SER A 34 11.79 14.43 16.10
C SER A 34 10.81 13.61 16.91
N ALA A 35 9.99 14.24 17.75
CA ALA A 35 9.08 13.51 18.62
C ALA A 35 8.23 12.53 17.81
N THR A 36 8.14 11.30 18.31
CA THR A 36 7.29 10.30 17.68
C THR A 36 5.81 10.67 17.73
N TRP A 37 5.43 11.67 18.54
CA TRP A 37 4.05 12.09 18.63
C TRP A 37 4.00 13.48 19.24
N THR A 38 2.96 14.23 18.87
CA THR A 38 2.76 15.58 19.37
C THR A 38 1.30 15.95 19.15
N TYR A 39 0.72 16.62 20.14
CA TYR A 39 -0.69 17.00 20.10
C TYR A 39 -0.84 18.51 20.00
N SER A 40 -1.77 18.95 19.16
CA SER A 40 -2.09 20.36 18.99
C SER A 40 -3.39 20.67 19.69
N PRO A 41 -3.37 21.36 20.84
CA PRO A 41 -4.64 21.78 21.45
C PRO A 41 -5.38 22.83 20.64
N LEU A 42 -4.64 23.69 19.92
CA LEU A 42 -5.26 24.70 19.07
C LEU A 42 -6.21 24.03 18.08
N LEU A 43 -5.65 23.24 17.16
CA LEU A 43 -6.47 22.50 16.21
C LEU A 43 -7.22 21.34 16.86
N LYS A 44 -6.84 20.96 18.09
CA LYS A 44 -7.42 19.81 18.76
C LYS A 44 -7.20 18.54 17.93
N LYS A 45 -5.97 18.35 17.48
CA LYS A 45 -5.63 17.21 16.64
C LYS A 45 -4.38 16.52 17.18
N LEU A 46 -4.36 15.19 17.03
CA LEU A 46 -3.22 14.38 17.46
C LEU A 46 -2.38 13.98 16.27
N TYR A 47 -1.07 14.16 16.38
CA TYR A 47 -0.11 13.74 15.37
C TYR A 47 0.73 12.61 15.95
N CYS A 48 0.82 11.50 15.21
CA CYS A 48 1.48 10.31 15.73
C CYS A 48 2.18 9.59 14.60
N GLN A 49 3.31 8.97 14.92
CA GLN A 49 4.01 8.14 13.96
C GLN A 49 3.44 6.73 14.00
N ILE A 50 3.44 6.08 12.84
CA ILE A 50 2.86 4.75 12.72
C ILE A 50 3.56 3.80 13.67
N ALA A 51 2.78 2.94 14.32
CA ALA A 51 3.28 1.91 15.23
C ALA A 51 3.80 2.50 16.54
N LYS A 52 4.50 3.63 16.48
CA LYS A 52 5.03 4.26 17.68
C LYS A 52 3.94 4.42 18.73
N THR A 53 4.33 4.36 20.00
CA THR A 53 3.40 4.41 21.10
C THR A 53 2.98 5.85 21.39
N CYS A 54 1.67 6.02 21.62
CA CYS A 54 1.10 7.32 21.97
C CYS A 54 0.38 7.20 23.31
N PRO A 55 0.92 7.77 24.39
CA PRO A 55 0.21 7.72 25.68
C PRO A 55 -0.83 8.82 25.78
N ILE A 56 -2.01 8.44 26.24
CA ILE A 56 -3.15 9.35 26.38
C ILE A 56 -3.50 9.46 27.86
N GLN A 57 -3.62 10.69 28.33
CA GLN A 57 -4.03 10.98 29.70
C GLN A 57 -5.53 11.16 29.75
N ILE A 58 -6.21 10.37 30.57
CA ILE A 58 -7.66 10.46 30.72
C ILE A 58 -7.96 11.14 32.05
N LYS A 59 -8.72 12.23 31.98
CA LYS A 59 -9.13 12.97 33.18
C LYS A 59 -10.46 12.43 33.65
N VAL A 60 -10.44 11.70 34.76
CA VAL A 60 -11.63 11.18 35.42
C VAL A 60 -11.85 11.99 36.68
N SER A 61 -13.08 12.45 36.87
CA SER A 61 -13.41 13.36 37.96
C SER A 61 -14.16 12.66 39.08
N THR A 62 -15.33 12.08 38.81
CA THR A 62 -16.06 11.29 39.79
C THR A 62 -15.85 9.81 39.49
N PRO A 63 -15.38 9.01 40.45
CA PRO A 63 -15.15 7.58 40.17
C PRO A 63 -16.40 6.92 39.61
N PRO A 64 -16.31 6.33 38.42
CA PRO A 64 -17.51 5.72 37.82
C PRO A 64 -17.79 4.35 38.41
N PRO A 65 -18.91 3.74 38.05
CA PRO A 65 -19.26 2.42 38.60
C PRO A 65 -18.21 1.39 38.21
N PRO A 66 -17.87 0.46 39.11
CA PRO A 66 -16.95 -0.61 38.73
C PRO A 66 -17.46 -1.37 37.51
N GLY A 67 -16.53 -1.81 36.67
CA GLY A 67 -16.85 -2.42 35.41
C GLY A 67 -16.84 -1.46 34.24
N THR A 68 -17.02 -0.17 34.49
CA THR A 68 -16.93 0.83 33.44
C THR A 68 -15.62 0.69 32.68
N ALA A 69 -15.70 0.80 31.35
CA ALA A 69 -14.55 0.68 30.47
C ALA A 69 -14.49 1.89 29.56
N ILE A 70 -13.34 2.05 28.90
CA ILE A 70 -13.11 3.10 27.93
C ILE A 70 -12.88 2.45 26.58
N ARG A 71 -13.36 3.10 25.52
CA ARG A 71 -13.37 2.54 24.17
C ARG A 71 -12.75 3.55 23.21
N ALA A 72 -11.77 3.10 22.45
CA ALA A 72 -11.20 3.89 21.36
C ALA A 72 -11.70 3.34 20.03
N MET A 73 -12.25 4.22 19.20
CA MET A 73 -12.82 3.84 17.92
C MET A 73 -12.46 4.85 16.85
N PRO A 74 -11.85 4.43 15.74
CA PRO A 74 -11.54 5.39 14.68
C PRO A 74 -12.69 5.54 13.69
N VAL A 75 -12.95 6.80 13.31
CA VAL A 75 -13.99 7.12 12.35
C VAL A 75 -13.40 8.05 11.29
N TYR A 76 -14.10 8.17 10.18
CA TYR A 76 -13.67 9.06 9.10
C TYR A 76 -14.31 10.44 9.28
N LYS A 77 -13.48 11.49 9.12
CA LYS A 77 -13.98 12.85 9.24
C LYS A 77 -14.73 13.29 7.99
N LYS A 78 -14.32 12.82 6.82
CA LYS A 78 -15.05 13.11 5.59
C LYS A 78 -16.47 12.60 5.70
N ALA A 79 -17.43 13.52 5.68
CA ALA A 79 -18.84 13.14 5.70
C ALA A 79 -19.17 12.16 4.58
N GLU A 80 -18.32 12.05 3.58
CA GLU A 80 -18.56 11.12 2.48
C GLU A 80 -18.15 9.69 2.86
N HIS A 81 -17.03 9.52 3.54
CA HIS A 81 -16.56 8.21 3.97
C HIS A 81 -16.93 7.90 5.42
N VAL A 82 -17.67 8.79 6.09
CA VAL A 82 -17.93 8.63 7.52
C VAL A 82 -18.52 7.25 7.79
N THR A 83 -19.41 6.78 6.93
CA THR A 83 -20.04 5.48 7.12
C THR A 83 -19.09 4.32 6.81
N ASP A 84 -17.95 4.59 6.19
CA ASP A 84 -16.98 3.55 5.91
C ASP A 84 -16.18 3.22 7.17
N VAL A 85 -16.01 1.94 7.44
CA VAL A 85 -15.32 1.49 8.64
C VAL A 85 -13.82 1.69 8.46
N VAL A 86 -13.19 2.31 9.46
CA VAL A 86 -11.75 2.54 9.42
C VAL A 86 -11.04 1.27 9.84
N LYS A 87 -10.15 0.77 8.98
CA LYS A 87 -9.35 -0.41 9.29
C LYS A 87 -7.96 -0.22 8.71
N ARG A 88 -7.02 -1.05 9.18
CA ARG A 88 -5.68 -1.01 8.63
C ARG A 88 -5.74 -1.23 7.13
N CYS A 89 -4.84 -0.57 6.42
CA CYS A 89 -4.79 -0.71 4.97
C CYS A 89 -4.53 -2.18 4.62
N PRO A 90 -5.14 -2.69 3.54
CA PRO A 90 -4.88 -4.08 3.15
C PRO A 90 -3.40 -4.41 3.06
N ASN A 91 -2.57 -3.42 2.73
CA ASN A 91 -1.12 -3.61 2.73
C ASN A 91 -0.62 -4.01 4.10
N HIS A 92 -0.93 -3.18 5.11
CA HIS A 92 -0.44 -3.43 6.46
C HIS A 92 -1.15 -4.62 7.10
N GLU A 93 -2.39 -4.89 6.70
CA GLU A 93 -3.12 -6.03 7.26
C GLU A 93 -2.35 -7.33 7.10
N LEU A 94 -1.44 -7.40 6.12
CA LEU A 94 -0.65 -8.60 5.86
C LEU A 94 0.79 -8.47 6.34
N GLY A 95 1.39 -7.29 6.19
CA GLY A 95 2.78 -7.07 6.52
C GLY A 95 3.23 -7.77 7.78
N ARG A 96 4.26 -8.61 7.65
CA ARG A 96 4.82 -9.34 8.79
C ARG A 96 5.49 -8.43 9.81
N ASP A 97 5.56 -7.13 9.56
CA ASP A 97 6.23 -6.20 10.46
C ASP A 97 5.71 -6.34 11.89
N PHE A 98 4.49 -5.86 12.14
CA PHE A 98 3.91 -5.86 13.48
C PHE A 98 2.78 -6.87 13.65
N ASN A 99 1.92 -7.04 12.64
CA ASN A 99 0.80 -7.96 12.75
C ASN A 99 1.28 -9.39 12.44
N GLU A 100 2.02 -9.94 13.39
CA GLU A 100 2.48 -11.32 13.28
C GLU A 100 2.65 -11.96 14.65
N GLY A 101 2.97 -11.16 15.67
CA GLY A 101 3.17 -11.67 17.02
C GLY A 101 2.34 -10.97 18.07
N GLN A 102 1.62 -9.93 17.69
CA GLN A 102 0.79 -9.19 18.64
C GLN A 102 -0.56 -9.89 18.81
N SER A 103 -1.13 -9.73 20.00
CA SER A 103 -2.43 -10.30 20.32
C SER A 103 -3.60 -9.48 19.79
N ALA A 104 -3.33 -8.44 18.99
CA ALA A 104 -4.39 -7.63 18.42
C ALA A 104 -4.68 -8.06 16.99
N PRO A 105 -5.94 -8.09 16.57
CA PRO A 105 -6.24 -8.44 15.17
C PRO A 105 -5.44 -7.57 14.20
N ALA A 106 -5.01 -8.20 13.09
CA ALA A 106 -4.27 -7.49 12.07
C ALA A 106 -5.11 -6.49 11.30
N SER A 107 -6.42 -6.43 11.55
CA SER A 107 -7.30 -5.50 10.84
C SER A 107 -7.59 -4.23 11.63
N HIS A 108 -7.21 -4.17 12.90
CA HIS A 108 -7.56 -3.06 13.77
C HIS A 108 -6.53 -1.95 13.67
N LEU A 109 -7.01 -0.74 13.40
CA LEU A 109 -6.12 0.43 13.34
C LEU A 109 -5.56 0.76 14.72
N ILE A 110 -6.43 0.84 15.73
CA ILE A 110 -6.03 1.26 17.07
C ILE A 110 -5.75 0.03 17.91
N ARG A 111 -4.60 0.00 18.56
CA ARG A 111 -4.25 -1.03 19.52
C ARG A 111 -3.99 -0.39 20.87
N VAL A 112 -3.91 -1.24 21.89
CA VAL A 112 -3.50 -0.83 23.23
C VAL A 112 -2.27 -1.63 23.59
N GLU A 113 -1.20 -0.94 23.96
CA GLU A 113 0.05 -1.58 24.33
C GLU A 113 0.11 -1.75 25.84
N GLY A 114 0.70 -2.85 26.28
CA GLY A 114 0.89 -3.12 27.70
C GLY A 114 -0.42 -3.27 28.43
N ASN A 115 -1.27 -4.20 27.98
CA ASN A 115 -2.52 -4.48 28.65
C ASN A 115 -3.16 -5.74 28.09
N ASN A 116 -3.31 -6.76 28.94
CA ASN A 116 -3.96 -8.00 28.53
C ASN A 116 -5.47 -7.93 28.67
N LEU A 117 -5.98 -7.08 29.56
CA LEU A 117 -7.42 -6.89 29.73
C LEU A 117 -8.06 -6.23 28.51
N SER A 118 -7.27 -5.68 27.61
CA SER A 118 -7.83 -5.02 26.43
C SER A 118 -8.50 -6.04 25.53
N GLN A 119 -9.71 -5.70 25.06
CA GLN A 119 -10.45 -6.54 24.14
C GLN A 119 -10.71 -5.77 22.86
N TYR A 120 -10.41 -6.39 21.72
CA TYR A 120 -10.62 -5.82 20.40
C TYR A 120 -11.91 -6.38 19.83
N VAL A 121 -12.86 -5.50 19.51
CA VAL A 121 -14.20 -5.90 19.12
C VAL A 121 -14.54 -5.33 17.74
N ASP A 122 -15.19 -6.16 16.93
CA ASP A 122 -15.78 -5.77 15.66
C ASP A 122 -17.29 -5.73 15.79
N ASP A 123 -17.89 -4.61 15.43
CA ASP A 123 -19.34 -4.49 15.48
C ASP A 123 -19.96 -5.48 14.50
N PRO A 124 -20.71 -6.48 14.95
CA PRO A 124 -21.24 -7.47 14.00
C PRO A 124 -22.24 -6.89 13.02
N VAL A 125 -22.97 -5.85 13.42
CA VAL A 125 -23.94 -5.23 12.52
C VAL A 125 -23.32 -4.08 11.74
N THR A 126 -22.37 -3.35 12.33
CA THR A 126 -21.75 -2.21 11.68
C THR A 126 -20.34 -2.50 11.15
N GLY A 127 -19.69 -3.53 11.66
CA GLY A 127 -18.31 -3.81 11.30
C GLY A 127 -17.29 -2.86 11.91
N ARG A 128 -17.72 -1.91 12.74
CA ARG A 128 -16.81 -0.94 13.32
C ARG A 128 -15.75 -1.65 14.16
N GLN A 129 -14.49 -1.31 13.91
CA GLN A 129 -13.39 -1.74 14.76
C GLN A 129 -13.30 -0.84 15.98
N SER A 130 -13.05 -1.44 17.14
CA SER A 130 -12.78 -0.61 18.31
C SER A 130 -12.12 -1.45 19.39
N VAL A 131 -11.35 -0.80 20.26
CA VAL A 131 -10.63 -1.47 21.35
C VAL A 131 -11.13 -0.92 22.67
N VAL A 132 -11.46 -1.81 23.60
CA VAL A 132 -12.03 -1.44 24.89
C VAL A 132 -11.14 -1.99 26.00
N VAL A 133 -10.92 -1.16 27.02
CA VAL A 133 -10.14 -1.57 28.18
C VAL A 133 -10.94 -1.19 29.43
N PRO A 134 -11.03 -2.07 30.44
CA PRO A 134 -11.74 -1.67 31.66
C PRO A 134 -11.02 -0.52 32.35
N TYR A 135 -11.82 0.42 32.86
CA TYR A 135 -11.26 1.59 33.53
C TYR A 135 -10.38 1.16 34.70
N GLU A 136 -9.23 1.82 34.83
CA GLU A 136 -8.31 1.58 35.92
C GLU A 136 -8.25 2.80 36.83
N PRO A 137 -8.09 2.61 38.14
CA PRO A 137 -7.99 3.75 39.04
C PRO A 137 -6.67 4.47 38.88
N PRO A 138 -6.65 5.80 38.87
CA PRO A 138 -5.38 6.51 38.78
C PRO A 138 -4.36 5.96 39.78
N GLN A 139 -3.16 5.69 39.29
CA GLN A 139 -2.13 5.07 40.10
C GLN A 139 -1.90 5.89 41.37
N VAL A 140 -1.42 5.21 42.41
CA VAL A 140 -1.27 5.84 43.72
C VAL A 140 -0.46 7.11 43.58
N GLY A 141 -0.99 8.20 44.14
CA GLY A 141 -0.28 9.47 44.15
C GLY A 141 -0.71 10.42 43.05
N THR A 142 -0.83 9.92 41.82
CA THR A 142 -1.12 10.77 40.69
C THR A 142 -2.64 10.88 40.48
N GLU A 143 -3.02 11.87 39.66
CA GLU A 143 -4.41 12.14 39.35
C GLU A 143 -4.82 11.65 37.96
N PHE A 144 -3.85 11.35 37.10
CA PHE A 144 -4.12 10.99 35.71
C PHE A 144 -3.95 9.49 35.51
N THR A 145 -4.96 8.86 34.92
CA THR A 145 -4.82 7.52 34.40
C THR A 145 -4.35 7.61 32.95
N THR A 146 -3.51 6.66 32.54
CA THR A 146 -2.88 6.69 31.22
C THR A 146 -3.20 5.42 30.46
N ILE A 147 -3.49 5.56 29.16
CA ILE A 147 -3.68 4.43 28.27
C ILE A 147 -2.70 4.56 27.11
N LEU A 148 -2.00 3.48 26.80
CA LEU A 148 -0.99 3.47 25.74
C LEU A 148 -1.66 2.99 24.46
N TYR A 149 -1.92 3.91 23.53
CA TYR A 149 -2.55 3.57 22.27
C TYR A 149 -1.52 3.50 21.16
N ASN A 150 -1.77 2.61 20.20
CA ASN A 150 -0.94 2.47 19.01
C ASN A 150 -1.80 2.62 17.77
N PHE A 151 -1.21 3.20 16.73
CA PHE A 151 -1.89 3.39 15.44
C PHE A 151 -1.06 2.71 14.37
N MET A 152 -1.61 1.67 13.74
CA MET A 152 -0.85 0.79 12.88
C MET A 152 -1.06 1.07 11.40
N CYS A 153 -1.32 2.33 11.05
CA CYS A 153 -1.60 2.69 9.67
C CYS A 153 -1.41 4.20 9.55
N ASN A 154 -0.51 4.63 8.67
CA ASN A 154 -0.39 6.06 8.39
C ASN A 154 -1.71 6.61 7.85
N SER A 155 -1.85 7.92 7.90
CA SER A 155 -2.99 8.61 7.31
C SER A 155 -2.91 8.69 5.80
N SER A 156 -1.94 8.03 5.18
CA SER A 156 -1.77 8.05 3.74
C SER A 156 -1.62 6.67 3.12
N CYS A 157 -1.75 5.60 3.90
CA CYS A 157 -1.58 4.27 3.36
C CYS A 157 -2.58 3.99 2.24
N VAL A 158 -2.26 2.99 1.42
CA VAL A 158 -3.01 2.67 0.22
C VAL A 158 -3.99 1.55 0.53
N GLY A 159 -5.22 1.70 0.06
CA GLY A 159 -6.28 0.77 0.33
C GLY A 159 -7.06 1.04 1.60
N GLY A 160 -6.39 1.54 2.65
CA GLY A 160 -7.05 1.89 3.88
C GLY A 160 -7.53 3.33 3.90
N MET A 161 -7.19 4.07 4.95
CA MET A 161 -7.57 5.47 5.08
C MET A 161 -6.65 6.32 4.21
N ASN A 162 -6.88 6.28 2.90
CA ASN A 162 -5.99 6.89 1.92
C ASN A 162 -6.10 8.41 1.93
N ARG A 163 -5.28 9.05 2.77
CA ARG A 163 -5.16 10.51 2.80
C ARG A 163 -6.42 11.20 3.27
N ARG A 164 -7.44 10.44 3.66
CA ARG A 164 -8.64 11.10 4.18
C ARG A 164 -8.59 11.14 5.70
N PRO A 165 -8.79 12.30 6.31
CA PRO A 165 -8.61 12.41 7.77
C PRO A 165 -9.57 11.52 8.53
N ILE A 166 -9.37 11.47 9.86
CA ILE A 166 -10.19 10.66 10.76
C ILE A 166 -10.35 11.41 12.08
N LEU A 167 -11.24 10.87 12.91
CA LEU A 167 -11.42 11.32 14.29
C LEU A 167 -11.35 10.10 15.20
N ILE A 168 -10.74 10.28 16.38
CA ILE A 168 -10.62 9.22 17.37
C ILE A 168 -11.70 9.44 18.41
N ILE A 169 -12.58 8.46 18.58
CA ILE A 169 -13.69 8.54 19.52
C ILE A 169 -13.32 7.74 20.75
N ILE A 170 -13.13 8.43 21.86
CA ILE A 170 -12.89 7.81 23.15
C ILE A 170 -14.18 7.97 23.96
N THR A 171 -14.79 6.85 24.33
CA THR A 171 -16.04 6.87 25.08
C THR A 171 -15.84 6.16 26.43
N LEU A 172 -16.55 6.66 27.44
CA LEU A 172 -16.57 6.04 28.77
C LEU A 172 -17.92 5.34 28.92
N GLU A 173 -17.91 4.02 28.79
CA GLU A 173 -19.13 3.22 28.86
C GLU A 173 -19.15 2.41 30.15
N MET A 174 -20.32 1.86 30.45
CA MET A 174 -20.50 0.98 31.59
C MET A 174 -20.67 -0.46 31.10
N ARG A 175 -20.91 -1.37 32.04
CA ARG A 175 -20.99 -2.79 31.70
C ARG A 175 -21.93 -3.04 30.52
N ASP A 176 -23.10 -2.40 30.52
CA ASP A 176 -24.07 -2.65 29.46
C ASP A 176 -23.77 -1.85 28.20
N GLY A 177 -23.12 -0.69 28.33
CA GLY A 177 -22.66 0.06 27.18
C GLY A 177 -23.22 1.46 27.07
N GLN A 178 -23.77 2.00 28.15
CA GLN A 178 -24.32 3.35 28.12
C GLN A 178 -23.19 4.36 27.94
N VAL A 179 -23.30 5.20 26.91
CA VAL A 179 -22.30 6.22 26.63
C VAL A 179 -22.38 7.30 27.70
N LEU A 180 -21.52 7.22 28.71
CA LEU A 180 -21.48 8.23 29.77
C LEU A 180 -20.72 9.47 29.33
N GLY A 181 -19.45 9.30 28.99
CA GLY A 181 -18.63 10.39 28.47
C GLY A 181 -18.10 10.05 27.09
N ARG A 182 -17.91 11.09 26.28
CA ARG A 182 -17.45 10.91 24.91
C ARG A 182 -16.53 12.08 24.53
N ARG A 183 -15.26 11.76 24.32
CA ARG A 183 -14.28 12.71 23.81
C ARG A 183 -13.98 12.40 22.35
N SER A 184 -13.50 13.42 21.63
CA SER A 184 -13.24 13.29 20.21
C SER A 184 -12.14 14.26 19.82
N PHE A 185 -11.33 13.84 18.85
CA PHE A 185 -10.27 14.69 18.32
C PHE A 185 -9.81 14.10 16.99
N GLU A 186 -9.55 14.96 16.03
CA GLU A 186 -9.06 14.50 14.73
C GLU A 186 -7.67 13.90 14.89
N GLY A 187 -7.39 12.85 14.13
CA GLY A 187 -6.13 12.16 14.22
C GLY A 187 -5.40 12.03 12.91
N ARG A 188 -4.12 12.40 12.90
CA ARG A 188 -3.28 12.32 11.71
C ARG A 188 -2.07 11.45 12.02
N ILE A 189 -1.89 10.38 11.23
CA ILE A 189 -0.77 9.47 11.39
C ILE A 189 0.16 9.67 10.20
N CYS A 190 1.38 10.14 10.47
CA CYS A 190 2.32 10.47 9.43
C CYS A 190 3.72 10.08 9.91
N ALA A 191 4.71 10.34 9.05
CA ALA A 191 6.09 10.05 9.37
C ALA A 191 6.84 11.27 9.89
N CYS A 192 6.28 12.46 9.77
CA CYS A 192 6.87 13.69 10.30
C CYS A 192 5.78 14.49 11.02
N PRO A 193 5.31 14.01 12.16
CA PRO A 193 4.22 14.70 12.86
C PRO A 193 4.55 16.13 13.25
N GLY A 194 5.81 16.43 13.55
CA GLY A 194 6.18 17.79 13.90
C GLY A 194 5.94 18.77 12.78
N ARG A 195 6.57 18.52 11.63
CA ARG A 195 6.44 19.45 10.52
C ARG A 195 4.99 19.59 10.08
N ASP A 196 4.22 18.49 10.14
CA ASP A 196 2.83 18.56 9.73
C ASP A 196 2.00 19.37 10.72
N ARG A 197 2.28 19.22 12.02
CA ARG A 197 1.62 20.06 13.01
C ARG A 197 1.91 21.53 12.75
N LYS A 198 3.18 21.88 12.60
CA LYS A 198 3.54 23.27 12.31
C LYS A 198 2.83 23.76 11.06
N ALA A 199 2.91 23.00 9.97
CA ALA A 199 2.33 23.43 8.70
C ALA A 199 0.82 23.66 8.82
N ASP A 200 0.13 22.80 9.57
CA ASP A 200 -1.30 23.00 9.75
C ASP A 200 -1.59 24.22 10.62
N GLU A 201 -0.83 24.41 11.70
CA GLU A 201 -1.06 25.56 12.57
C GLU A 201 -0.77 26.87 11.86
N ASP A 202 0.16 26.88 10.90
CA ASP A 202 0.40 28.08 10.12
C ASP A 202 -0.66 28.27 9.04
N HIS A 203 -1.02 27.17 8.35
CA HIS A 203 -2.14 27.21 7.42
C HIS A 203 -3.46 27.60 8.09
N TYR A 204 -3.50 27.59 9.43
CA TYR A 204 -4.73 27.90 10.14
C TYR A 204 -5.03 29.39 10.12
N ARG A 205 -4.04 30.23 10.48
CA ARG A 205 -4.27 31.66 10.55
C ARG A 205 -4.30 32.29 9.16
N GLU A 206 -3.43 31.84 8.25
CA GLU A 206 -3.42 32.34 6.88
C GLU A 206 -4.51 31.65 6.06
N GLN A 207 -5.75 31.77 6.54
CA GLN A 207 -6.90 31.17 5.89
C GLN A 207 -8.18 31.60 6.60
N HIS B 7 15.92 -24.56 -13.28
CA HIS B 7 17.22 -24.62 -12.61
C HIS B 7 18.01 -23.34 -12.82
N GLU B 8 17.34 -22.20 -12.64
CA GLU B 8 17.96 -20.88 -12.80
C GLU B 8 17.42 -19.98 -11.69
N PHE B 9 18.25 -19.73 -10.67
CA PHE B 9 17.83 -18.88 -9.57
C PHE B 9 17.77 -17.42 -9.99
N ILE B 10 18.91 -16.87 -10.40
CA ILE B 10 19.00 -15.47 -10.79
C ILE B 10 18.91 -15.40 -12.31
N PRO B 11 17.73 -15.13 -12.88
CA PRO B 11 17.61 -15.10 -14.35
C PRO B 11 18.56 -14.08 -14.96
N SER B 12 19.26 -14.50 -16.01
CA SER B 12 20.28 -13.66 -16.63
C SER B 12 19.63 -12.51 -17.39
N ASN B 13 19.92 -11.28 -16.94
CA ASN B 13 19.37 -10.09 -17.58
C ASN B 13 20.15 -9.67 -18.83
N THR B 14 21.38 -10.13 -18.97
CA THR B 14 22.23 -9.70 -20.07
C THR B 14 21.55 -9.94 -21.42
N ASP B 15 21.47 -8.87 -22.22
CA ASP B 15 20.87 -8.97 -23.54
C ASP B 15 21.59 -10.05 -24.36
N TYR B 16 20.85 -10.68 -25.28
CA TYR B 16 21.43 -11.61 -26.24
C TYR B 16 20.50 -11.65 -27.45
N PRO B 17 20.84 -10.93 -28.53
CA PRO B 17 20.08 -11.09 -29.77
C PRO B 17 20.23 -12.49 -30.33
N GLY B 18 19.15 -13.27 -30.32
CA GLY B 18 19.20 -14.61 -30.85
C GLY B 18 19.68 -14.62 -32.29
N PRO B 19 19.97 -15.81 -32.83
CA PRO B 19 20.33 -15.90 -34.25
C PRO B 19 19.21 -15.43 -35.17
N HIS B 20 18.03 -15.11 -34.64
CA HIS B 20 16.94 -14.55 -35.40
C HIS B 20 16.80 -13.04 -35.18
N HIS B 21 17.87 -12.36 -34.79
CA HIS B 21 17.82 -10.93 -34.50
C HIS B 21 16.67 -10.63 -33.56
N PHE B 22 16.89 -10.87 -32.27
CA PHE B 22 15.86 -10.66 -31.27
C PHE B 22 15.92 -9.23 -30.74
N GLU B 23 14.79 -8.54 -30.81
CA GLU B 23 14.72 -7.15 -30.37
C GLU B 23 13.27 -6.74 -30.26
N VAL B 24 13.01 -5.84 -29.32
CA VAL B 24 11.66 -5.37 -29.01
C VAL B 24 11.62 -3.85 -29.16
N THR B 25 10.53 -3.34 -29.74
CA THR B 25 10.31 -1.92 -29.94
C THR B 25 8.90 -1.58 -29.48
N PHE B 26 8.53 -0.30 -29.61
CA PHE B 26 7.28 0.19 -29.05
C PHE B 26 6.62 1.17 -30.02
N GLN B 27 5.31 1.33 -29.84
CA GLN B 27 4.46 2.04 -30.79
C GLN B 27 4.36 3.53 -30.41
N GLN B 28 5.41 4.27 -30.73
CA GLN B 28 5.43 5.73 -30.68
C GLN B 28 4.49 6.34 -29.65
N SER B 29 4.48 5.79 -28.44
CA SER B 29 3.63 6.28 -27.36
C SER B 29 3.42 7.79 -27.44
N SER B 30 2.18 8.22 -27.26
CA SER B 30 1.86 9.65 -27.34
C SER B 30 2.81 10.45 -26.46
N THR B 31 3.61 11.31 -27.09
CA THR B 31 4.58 12.12 -26.37
C THR B 31 3.96 12.91 -25.24
N ALA B 32 2.65 13.17 -25.30
CA ALA B 32 1.98 13.93 -24.26
C ALA B 32 2.18 13.29 -22.90
N LYS B 33 2.10 14.12 -21.85
CA LYS B 33 2.18 13.61 -20.49
C LYS B 33 0.95 12.80 -20.08
N SER B 34 -0.07 12.74 -20.94
CA SER B 34 -1.31 12.06 -20.61
C SER B 34 -1.31 10.59 -21.00
N ALA B 35 -0.39 10.17 -21.86
CA ALA B 35 -0.39 8.79 -22.35
C ALA B 35 -0.37 7.80 -21.19
N THR B 36 -1.04 6.67 -21.40
CA THR B 36 -1.04 5.59 -20.42
C THR B 36 0.30 4.86 -20.36
N TRP B 37 1.19 5.08 -21.31
CA TRP B 37 2.50 4.45 -21.32
C TRP B 37 3.39 5.20 -22.29
N THR B 38 4.70 5.03 -22.10
CA THR B 38 5.70 5.63 -22.97
C THR B 38 7.02 4.91 -22.76
N TYR B 39 7.84 4.87 -23.80
CA TYR B 39 9.13 4.19 -23.76
C TYR B 39 10.25 5.18 -24.06
N SER B 40 11.34 5.05 -23.31
CA SER B 40 12.54 5.87 -23.48
C SER B 40 13.64 5.02 -24.09
N PRO B 41 13.90 5.14 -25.40
CA PRO B 41 15.04 4.40 -25.98
C PRO B 41 16.38 4.90 -25.46
N LEU B 42 16.51 6.19 -25.15
CA LEU B 42 17.74 6.71 -24.58
C LEU B 42 18.10 5.95 -23.31
N LEU B 43 17.24 6.03 -22.30
CA LEU B 43 17.44 5.27 -21.07
C LEU B 43 17.09 3.80 -21.23
N LYS B 44 16.45 3.44 -22.33
CA LYS B 44 16.00 2.06 -22.55
C LYS B 44 15.13 1.58 -21.40
N LYS B 45 14.14 2.40 -21.04
CA LYS B 45 13.24 2.10 -19.93
C LYS B 45 11.80 2.32 -20.34
N LEU B 46 10.92 1.44 -19.89
CA LEU B 46 9.49 1.52 -20.17
C LEU B 46 8.74 2.10 -18.96
N TYR B 47 7.99 3.17 -19.20
CA TYR B 47 7.12 3.79 -18.21
C TYR B 47 5.68 3.42 -18.54
N CYS B 48 4.98 2.84 -17.58
CA CYS B 48 3.62 2.35 -17.83
C CYS B 48 2.74 2.63 -16.62
N GLN B 49 1.48 2.95 -16.88
CA GLN B 49 0.50 3.10 -15.82
C GLN B 49 -0.04 1.74 -15.40
N ILE B 50 -0.30 1.60 -14.09
CA ILE B 50 -0.76 0.34 -13.56
C ILE B 50 -2.01 -0.11 -14.30
N ALA B 51 -2.14 -1.42 -14.51
CA ALA B 51 -3.32 -2.00 -15.15
C ALA B 51 -3.40 -1.64 -16.63
N LYS B 52 -3.18 -0.37 -16.97
CA LYS B 52 -3.30 0.09 -18.36
C LYS B 52 -2.53 -0.82 -19.31
N THR B 53 -3.12 -1.07 -20.47
CA THR B 53 -2.53 -1.98 -21.44
C THR B 53 -1.30 -1.35 -22.09
N CYS B 54 -0.29 -2.18 -22.29
CA CYS B 54 0.96 -1.75 -22.93
C CYS B 54 1.25 -2.67 -24.10
N PRO B 55 1.08 -2.21 -25.35
CA PRO B 55 1.40 -3.06 -26.50
C PRO B 55 2.90 -3.05 -26.80
N ILE B 56 3.49 -4.24 -26.90
CA ILE B 56 4.91 -4.41 -27.17
C ILE B 56 5.07 -4.96 -28.58
N GLN B 57 5.96 -4.34 -29.35
CA GLN B 57 6.34 -4.83 -30.65
C GLN B 57 7.53 -5.76 -30.50
N ILE B 58 7.42 -6.96 -31.06
CA ILE B 58 8.51 -7.92 -31.11
C ILE B 58 8.92 -8.10 -32.57
N LYS B 59 10.23 -7.99 -32.82
CA LYS B 59 10.80 -8.10 -34.16
C LYS B 59 11.45 -9.47 -34.32
N VAL B 60 11.10 -10.15 -35.40
CA VAL B 60 11.62 -11.48 -35.71
C VAL B 60 12.12 -11.45 -37.15
N SER B 61 13.41 -11.75 -37.34
CA SER B 61 13.97 -11.74 -38.70
C SER B 61 13.90 -13.11 -39.35
N THR B 62 14.04 -14.18 -38.57
CA THR B 62 13.97 -15.54 -39.08
C THR B 62 12.84 -16.28 -38.38
N PRO B 63 11.83 -16.77 -39.09
CA PRO B 63 10.74 -17.51 -38.44
C PRO B 63 11.28 -18.66 -37.60
N PRO B 64 11.01 -18.68 -36.30
CA PRO B 64 11.56 -19.73 -35.45
C PRO B 64 10.76 -21.03 -35.59
N PRO B 65 11.30 -22.13 -35.09
CA PRO B 65 10.57 -23.41 -35.17
C PRO B 65 9.23 -23.29 -34.46
N PRO B 66 8.14 -23.76 -35.08
CA PRO B 66 6.84 -23.69 -34.40
C PRO B 66 6.89 -24.28 -33.00
N GLY B 67 5.98 -23.84 -32.12
CA GLY B 67 6.05 -24.23 -30.72
C GLY B 67 6.86 -23.22 -29.93
N THR B 68 7.84 -22.61 -30.61
CA THR B 68 8.61 -21.53 -29.99
C THR B 68 7.66 -20.50 -29.39
N ALA B 69 8.01 -20.04 -28.19
CA ALA B 69 7.18 -19.09 -27.43
C ALA B 69 8.03 -17.96 -26.91
N ILE B 70 7.36 -16.90 -26.46
CA ILE B 70 7.98 -15.75 -25.84
C ILE B 70 7.54 -15.70 -24.38
N ARG B 71 8.49 -15.41 -23.49
CA ARG B 71 8.25 -15.35 -22.07
C ARG B 71 8.55 -13.93 -21.58
N ALA B 72 7.75 -13.47 -20.63
CA ALA B 72 7.93 -12.20 -19.96
C ALA B 72 8.03 -12.45 -18.46
N MET B 73 9.11 -11.98 -17.84
CA MET B 73 9.38 -12.24 -16.44
C MET B 73 9.93 -10.97 -15.79
N PRO B 74 9.36 -10.55 -14.66
CA PRO B 74 9.92 -9.39 -13.95
C PRO B 74 11.03 -9.79 -12.98
N VAL B 75 12.11 -9.00 -12.98
CA VAL B 75 13.24 -9.21 -12.08
C VAL B 75 13.61 -7.88 -11.44
N TYR B 76 14.42 -7.95 -10.39
CA TYR B 76 14.86 -6.75 -9.70
C TYR B 76 16.19 -6.25 -10.25
N LYS B 77 16.31 -4.93 -10.39
CA LYS B 77 17.52 -4.33 -10.89
C LYS B 77 18.56 -4.19 -9.79
N LYS B 78 18.13 -3.78 -8.59
CA LYS B 78 19.02 -3.68 -7.45
C LYS B 78 19.70 -5.02 -7.19
N ALA B 79 21.01 -5.10 -7.46
CA ALA B 79 21.75 -6.33 -7.22
C ALA B 79 21.56 -6.85 -5.80
N GLU B 80 21.11 -5.99 -4.88
CA GLU B 80 20.82 -6.45 -3.53
C GLU B 80 19.49 -7.19 -3.46
N HIS B 81 18.52 -6.80 -4.27
CA HIS B 81 17.22 -7.46 -4.32
C HIS B 81 17.08 -8.38 -5.53
N VAL B 82 18.14 -8.53 -6.34
CA VAL B 82 18.04 -9.31 -7.57
C VAL B 82 17.63 -10.75 -7.30
N THR B 83 17.86 -11.23 -6.08
CA THR B 83 17.47 -12.59 -5.72
C THR B 83 16.02 -12.70 -5.28
N ASP B 84 15.40 -11.58 -4.91
CA ASP B 84 14.01 -11.61 -4.46
C ASP B 84 13.08 -11.70 -5.66
N VAL B 85 12.02 -12.48 -5.51
CA VAL B 85 11.04 -12.68 -6.58
C VAL B 85 10.13 -11.47 -6.66
N VAL B 86 9.85 -11.03 -7.88
CA VAL B 86 8.95 -9.90 -8.12
C VAL B 86 7.53 -10.43 -8.21
N LYS B 87 6.65 -9.95 -7.34
CA LYS B 87 5.24 -10.31 -7.34
C LYS B 87 4.42 -9.05 -7.08
N ARG B 88 3.10 -9.18 -7.26
CA ARG B 88 2.22 -8.05 -7.03
C ARG B 88 2.31 -7.59 -5.58
N CYS B 89 1.90 -6.35 -5.35
CA CYS B 89 1.91 -5.80 -4.01
C CYS B 89 0.98 -6.61 -3.11
N PRO B 90 1.35 -6.84 -1.85
CA PRO B 90 0.41 -7.53 -0.93
C PRO B 90 -0.94 -6.85 -0.84
N ASN B 91 -0.96 -5.51 -0.89
CA ASN B 91 -2.24 -4.81 -0.97
C ASN B 91 -2.98 -5.15 -2.25
N HIS B 92 -2.28 -5.16 -3.39
CA HIS B 92 -2.89 -5.46 -4.67
C HIS B 92 -3.20 -6.94 -4.84
N GLU B 93 -2.44 -7.81 -4.17
CA GLU B 93 -2.68 -9.25 -4.25
C GLU B 93 -4.10 -9.62 -3.84
N LEU B 94 -4.77 -8.75 -3.07
CA LEU B 94 -6.13 -9.00 -2.61
C LEU B 94 -7.16 -8.07 -3.22
N GLY B 95 -6.81 -6.80 -3.43
CA GLY B 95 -7.73 -5.81 -3.95
C GLY B 95 -8.62 -6.33 -5.06
N ARG B 96 -9.93 -6.27 -4.84
CA ARG B 96 -10.90 -6.81 -5.79
C ARG B 96 -10.97 -6.03 -7.10
N ASP B 97 -10.20 -4.95 -7.25
CA ASP B 97 -10.34 -4.09 -8.42
C ASP B 97 -10.17 -4.88 -9.72
N PHE B 98 -9.03 -5.56 -9.87
CA PHE B 98 -8.74 -6.30 -11.09
C PHE B 98 -8.59 -7.80 -10.86
N ASN B 99 -7.96 -8.21 -9.76
CA ASN B 99 -7.77 -9.64 -9.49
C ASN B 99 -9.04 -10.21 -8.85
N GLU B 100 -10.08 -10.30 -9.67
CA GLU B 100 -11.34 -10.90 -9.23
C GLU B 100 -12.09 -11.56 -10.37
N GLY B 101 -11.78 -11.20 -11.60
CA GLY B 101 -12.46 -11.77 -12.76
C GLY B 101 -11.53 -12.21 -13.87
N GLN B 102 -10.24 -11.94 -13.72
CA GLN B 102 -9.26 -12.33 -14.72
C GLN B 102 -8.75 -13.74 -14.47
N SER B 103 -8.45 -14.44 -15.55
CA SER B 103 -7.86 -15.78 -15.46
C SER B 103 -6.41 -15.76 -14.98
N ALA B 104 -5.82 -14.58 -14.80
CA ALA B 104 -4.43 -14.48 -14.37
C ALA B 104 -4.36 -14.58 -12.84
N PRO B 105 -3.40 -15.33 -12.31
CA PRO B 105 -3.24 -15.37 -10.84
C PRO B 105 -3.02 -13.97 -10.27
N ALA B 106 -3.52 -13.77 -9.06
CA ALA B 106 -3.40 -12.48 -8.39
C ALA B 106 -2.01 -12.20 -7.83
N SER B 107 -1.11 -13.18 -7.90
CA SER B 107 0.25 -13.00 -7.42
C SER B 107 1.23 -12.61 -8.52
N HIS B 108 0.80 -12.63 -9.79
CA HIS B 108 1.68 -12.34 -10.91
C HIS B 108 1.64 -10.85 -11.23
N LEU B 109 2.82 -10.26 -11.40
CA LEU B 109 2.90 -8.85 -11.77
C LEU B 109 2.47 -8.64 -13.21
N ILE B 110 3.07 -9.39 -14.13
CA ILE B 110 2.85 -9.21 -15.56
C ILE B 110 1.71 -10.11 -16.02
N ARG B 111 0.83 -9.55 -16.85
CA ARG B 111 -0.26 -10.29 -17.47
C ARG B 111 -0.23 -10.03 -18.97
N VAL B 112 -1.06 -10.79 -19.69
CA VAL B 112 -1.20 -10.64 -21.14
C VAL B 112 -2.69 -10.47 -21.44
N GLU B 113 -3.04 -9.34 -22.03
CA GLU B 113 -4.43 -9.06 -22.37
C GLU B 113 -4.70 -9.49 -23.81
N GLY B 114 -5.86 -10.10 -24.01
CA GLY B 114 -6.29 -10.50 -25.34
C GLY B 114 -5.61 -11.77 -25.83
N ASN B 115 -5.64 -12.82 -25.01
CA ASN B 115 -5.07 -14.09 -25.42
C ASN B 115 -5.42 -15.17 -24.39
N ASN B 116 -5.87 -16.32 -24.88
CA ASN B 116 -6.17 -17.45 -24.02
C ASN B 116 -5.05 -18.48 -23.98
N LEU B 117 -4.27 -18.58 -25.06
CA LEU B 117 -3.11 -19.46 -25.06
C LEU B 117 -2.04 -19.03 -24.08
N SER B 118 -2.13 -17.81 -23.54
CA SER B 118 -1.17 -17.34 -22.56
C SER B 118 -1.24 -18.20 -21.31
N GLN B 119 -0.08 -18.65 -20.83
CA GLN B 119 0.01 -19.47 -19.63
C GLN B 119 0.86 -18.75 -18.59
N TYR B 120 0.36 -18.70 -17.35
CA TYR B 120 1.07 -18.09 -16.24
C TYR B 120 1.71 -19.19 -15.41
N VAL B 121 3.01 -19.07 -15.17
CA VAL B 121 3.79 -20.11 -14.52
C VAL B 121 4.54 -19.55 -13.33
N ASP B 122 4.58 -20.33 -12.26
CA ASP B 122 5.30 -20.02 -11.03
C ASP B 122 6.37 -21.09 -10.85
N ASP B 123 7.63 -20.70 -10.97
CA ASP B 123 8.73 -21.65 -10.88
C ASP B 123 8.63 -22.42 -9.56
N PRO B 124 8.68 -23.76 -9.59
CA PRO B 124 8.58 -24.51 -8.33
C PRO B 124 9.81 -24.39 -7.45
N VAL B 125 11.00 -24.32 -8.04
CA VAL B 125 12.22 -24.23 -7.25
C VAL B 125 12.63 -22.79 -6.98
N THR B 126 12.39 -21.89 -7.93
CA THR B 126 12.78 -20.49 -7.79
C THR B 126 11.61 -19.57 -7.44
N GLY B 127 10.39 -20.06 -7.48
CA GLY B 127 9.24 -19.23 -7.19
C GLY B 127 9.09 -18.04 -8.11
N ARG B 128 9.75 -18.05 -9.26
CA ARG B 128 9.70 -16.92 -10.18
C ARG B 128 8.36 -16.87 -10.91
N GLN B 129 7.74 -15.69 -10.92
CA GLN B 129 6.52 -15.47 -11.69
C GLN B 129 6.87 -15.14 -13.13
N SER B 130 6.12 -15.70 -14.07
CA SER B 130 6.31 -15.32 -15.46
C SER B 130 5.07 -15.69 -16.27
N VAL B 131 4.98 -15.11 -17.45
CA VAL B 131 3.88 -15.38 -18.38
C VAL B 131 4.45 -15.68 -19.75
N VAL B 132 3.97 -16.75 -20.38
CA VAL B 132 4.48 -17.17 -21.67
C VAL B 132 3.33 -17.26 -22.66
N VAL B 133 3.64 -16.96 -23.92
CA VAL B 133 2.66 -17.08 -25.00
C VAL B 133 3.36 -17.72 -26.20
N PRO B 134 2.72 -18.66 -26.89
CA PRO B 134 3.35 -19.21 -28.09
C PRO B 134 3.53 -18.14 -29.15
N TYR B 135 4.68 -18.15 -29.82
CA TYR B 135 4.97 -17.16 -30.84
C TYR B 135 3.96 -17.24 -31.97
N GLU B 136 3.39 -16.09 -32.33
CA GLU B 136 2.45 -16.00 -33.42
C GLU B 136 3.12 -15.38 -34.65
N PRO B 137 2.77 -15.83 -35.85
CA PRO B 137 3.34 -15.22 -37.05
C PRO B 137 2.83 -13.81 -37.23
N PRO B 138 3.67 -12.87 -37.67
CA PRO B 138 3.19 -11.51 -37.90
C PRO B 138 1.95 -11.49 -38.79
N GLN B 139 0.96 -10.72 -38.37
CA GLN B 139 -0.32 -10.66 -39.10
C GLN B 139 -0.06 -10.33 -40.57
N VAL B 140 -0.98 -10.79 -41.43
CA VAL B 140 -0.81 -10.63 -42.86
C VAL B 140 -0.58 -9.16 -43.18
N GLY B 141 0.47 -8.88 -43.94
CA GLY B 141 0.80 -7.52 -44.33
C GLY B 141 1.97 -6.94 -43.56
N THR B 142 1.89 -7.01 -42.23
CA THR B 142 2.93 -6.44 -41.38
C THR B 142 4.04 -7.45 -41.13
N GLU B 143 5.12 -6.98 -40.49
CA GLU B 143 6.28 -7.80 -40.22
C GLU B 143 6.56 -8.02 -38.74
N PHE B 144 6.22 -7.04 -37.89
CA PHE B 144 6.38 -7.21 -36.45
C PHE B 144 5.17 -7.91 -35.86
N THR B 145 5.39 -8.63 -34.76
CA THR B 145 4.30 -9.21 -34.00
C THR B 145 4.05 -8.35 -32.77
N THR B 146 2.82 -8.38 -32.26
CA THR B 146 2.43 -7.53 -31.13
C THR B 146 1.90 -8.38 -30.00
N ILE B 147 2.35 -8.08 -28.78
CA ILE B 147 1.87 -8.74 -27.57
C ILE B 147 1.43 -7.67 -26.59
N LEU B 148 0.22 -7.80 -26.05
CA LEU B 148 -0.34 -6.83 -25.12
C LEU B 148 -0.05 -7.27 -23.69
N TYR B 149 0.76 -6.49 -22.96
CA TYR B 149 1.10 -6.81 -21.59
C TYR B 149 0.44 -5.84 -20.63
N ASN B 150 0.14 -6.34 -19.42
CA ASN B 150 -0.38 -5.53 -18.32
C ASN B 150 0.55 -5.65 -17.12
N PHE B 151 0.67 -4.58 -16.36
CA PHE B 151 1.51 -4.54 -15.16
C PHE B 151 0.65 -4.14 -13.97
N MET B 152 0.34 -5.10 -13.10
CA MET B 152 -0.66 -4.91 -12.05
C MET B 152 -0.06 -4.44 -10.74
N CYS B 153 0.89 -3.49 -10.79
CA CYS B 153 1.50 -2.98 -9.58
C CYS B 153 2.36 -1.78 -9.91
N ASN B 154 2.19 -0.68 -9.18
CA ASN B 154 3.06 0.46 -9.35
C ASN B 154 4.46 0.14 -8.86
N SER B 155 5.44 0.92 -9.34
CA SER B 155 6.82 0.77 -8.89
C SER B 155 7.04 1.30 -7.48
N SER B 156 6.00 1.78 -6.82
CA SER B 156 6.11 2.33 -5.48
C SER B 156 5.22 1.63 -4.46
N CYS B 157 4.46 0.62 -4.87
CA CYS B 157 3.55 -0.05 -3.95
C CYS B 157 4.29 -0.54 -2.73
N VAL B 158 3.58 -0.57 -1.60
CA VAL B 158 4.19 -0.84 -0.30
C VAL B 158 4.23 -2.35 -0.08
N GLY B 159 5.44 -2.88 0.14
CA GLY B 159 5.63 -4.29 0.39
C GLY B 159 5.99 -5.09 -0.85
N GLY B 160 5.49 -4.69 -2.01
CA GLY B 160 5.87 -5.34 -3.25
C GLY B 160 7.24 -4.89 -3.71
N MET B 161 7.28 -4.06 -4.75
CA MET B 161 8.53 -3.50 -5.25
C MET B 161 8.66 -2.08 -4.70
N ASN B 162 9.04 -2.02 -3.42
CA ASN B 162 9.13 -0.76 -2.68
C ASN B 162 10.07 0.22 -3.35
N ARG B 163 9.61 0.92 -4.38
CA ARG B 163 10.35 1.98 -5.05
C ARG B 163 11.68 1.51 -5.64
N ARG B 164 11.94 0.18 -5.65
CA ARG B 164 13.19 -0.30 -6.22
C ARG B 164 12.97 -0.74 -7.65
N PRO B 165 13.75 -0.24 -8.61
CA PRO B 165 13.45 -0.49 -10.02
C PRO B 165 13.55 -1.98 -10.37
N ILE B 166 13.01 -2.32 -11.55
CA ILE B 166 12.99 -3.69 -12.04
C ILE B 166 13.40 -3.71 -13.51
N LEU B 167 13.61 -4.93 -14.00
CA LEU B 167 13.90 -5.18 -15.40
C LEU B 167 12.91 -6.21 -15.92
N ILE B 168 12.40 -5.98 -17.13
CA ILE B 168 11.48 -6.90 -17.80
C ILE B 168 12.31 -7.77 -18.73
N ILE B 169 12.21 -9.09 -18.53
CA ILE B 169 12.98 -10.06 -19.29
C ILE B 169 12.04 -10.73 -20.28
N ILE B 170 12.21 -10.40 -21.56
CA ILE B 170 11.46 -11.01 -22.64
C ILE B 170 12.40 -11.99 -23.35
N THR B 171 12.18 -13.28 -23.13
CA THR B 171 13.00 -14.30 -23.78
C THR B 171 12.21 -14.97 -24.89
N LEU B 172 12.93 -15.57 -25.83
CA LEU B 172 12.36 -16.35 -26.92
C LEU B 172 12.83 -17.78 -26.74
N GLU B 173 12.01 -18.59 -26.09
CA GLU B 173 12.32 -19.98 -25.81
C GLU B 173 11.66 -20.87 -26.85
N MET B 174 12.08 -22.14 -26.86
CA MET B 174 11.45 -23.16 -27.66
C MET B 174 10.69 -24.12 -26.75
N ARG B 175 10.07 -25.13 -27.36
CA ARG B 175 9.17 -26.01 -26.62
C ARG B 175 9.84 -26.58 -25.37
N ASP B 176 11.10 -26.99 -25.49
CA ASP B 176 11.78 -27.58 -24.34
C ASP B 176 12.29 -26.53 -23.37
N GLY B 177 12.57 -25.31 -23.85
CA GLY B 177 12.93 -24.21 -22.98
C GLY B 177 14.26 -23.55 -23.29
N GLN B 178 14.91 -23.96 -24.38
CA GLN B 178 16.19 -23.37 -24.74
C GLN B 178 16.04 -21.88 -25.02
N VAL B 179 16.89 -21.08 -24.41
CA VAL B 179 16.87 -19.63 -24.59
C VAL B 179 17.53 -19.30 -25.92
N LEU B 180 16.74 -18.78 -26.86
CA LEU B 180 17.27 -18.38 -28.17
C LEU B 180 17.61 -16.90 -28.19
N GLY B 181 16.60 -16.04 -28.05
CA GLY B 181 16.81 -14.61 -27.94
C GLY B 181 16.36 -14.12 -26.59
N ARG B 182 16.99 -13.04 -26.13
CA ARG B 182 16.71 -12.47 -24.81
C ARG B 182 16.81 -10.96 -24.88
N ARG B 183 15.69 -10.29 -24.65
CA ARG B 183 15.65 -8.84 -24.57
C ARG B 183 15.36 -8.42 -23.13
N SER B 184 15.92 -7.28 -22.74
CA SER B 184 15.77 -6.77 -21.39
C SER B 184 15.67 -5.26 -21.42
N PHE B 185 14.86 -4.71 -20.52
CA PHE B 185 14.76 -3.26 -20.38
C PHE B 185 14.17 -2.97 -19.00
N GLU B 186 14.62 -1.87 -18.39
CA GLU B 186 14.12 -1.49 -17.08
C GLU B 186 12.68 -1.00 -17.18
N GLY B 187 11.86 -1.39 -16.20
CA GLY B 187 10.46 -1.01 -16.21
C GLY B 187 10.05 -0.22 -14.98
N ARG B 188 9.43 0.94 -15.19
CA ARG B 188 8.96 1.80 -14.10
C ARG B 188 7.46 2.00 -14.25
N ILE B 189 6.71 1.57 -13.24
CA ILE B 189 5.26 1.67 -13.24
C ILE B 189 4.86 2.78 -12.27
N CYS B 190 4.21 3.81 -12.81
CA CYS B 190 3.91 5.02 -12.03
C CYS B 190 2.55 5.56 -12.48
N ALA B 191 2.18 6.70 -11.90
CA ALA B 191 0.92 7.34 -12.25
C ALA B 191 1.07 8.38 -13.34
N CYS B 192 2.26 8.97 -13.48
CA CYS B 192 2.54 9.96 -14.52
C CYS B 192 3.78 9.52 -15.28
N PRO B 193 3.65 8.55 -16.18
CA PRO B 193 4.84 8.08 -16.93
C PRO B 193 5.52 9.18 -17.72
N GLY B 194 4.78 10.17 -18.20
CA GLY B 194 5.36 11.25 -18.98
C GLY B 194 6.37 12.07 -18.19
N ARG B 195 5.91 12.77 -17.15
CA ARG B 195 6.81 13.60 -16.36
C ARG B 195 7.96 12.79 -15.79
N ASP B 196 7.72 11.53 -15.42
CA ASP B 196 8.78 10.69 -14.88
C ASP B 196 9.83 10.41 -15.95
N ARG B 197 9.40 10.09 -17.17
CA ARG B 197 10.36 9.91 -18.26
C ARG B 197 11.17 11.18 -18.48
N LYS B 198 10.49 12.31 -18.65
CA LYS B 198 11.18 13.57 -18.84
C LYS B 198 12.22 13.80 -17.75
N ALA B 199 11.78 13.77 -16.49
CA ALA B 199 12.69 14.02 -15.38
C ALA B 199 13.86 13.04 -15.38
N ASP B 200 13.63 11.80 -15.81
CA ASP B 200 14.72 10.83 -15.84
C ASP B 200 15.71 11.13 -16.96
N GLU B 201 15.24 11.64 -18.09
CA GLU B 201 16.15 12.00 -19.18
C GLU B 201 16.96 13.25 -18.83
N ASP B 202 16.28 14.30 -18.36
CA ASP B 202 17.00 15.50 -17.94
C ASP B 202 17.98 15.18 -16.82
N HIS B 203 17.56 14.36 -15.85
CA HIS B 203 18.48 13.86 -14.84
C HIS B 203 19.60 13.03 -15.46
N TYR B 204 19.37 12.46 -16.65
CA TYR B 204 20.38 11.66 -17.32
C TYR B 204 21.46 12.54 -17.94
N ARG B 205 21.07 13.67 -18.53
CA ARG B 205 22.06 14.57 -19.11
C ARG B 205 22.99 15.15 -18.05
N GLU B 206 22.50 16.12 -17.27
CA GLU B 206 23.29 16.79 -16.24
C GLU B 206 23.55 15.81 -15.11
N GLN B 207 24.47 14.88 -15.37
CA GLN B 207 24.86 13.90 -14.38
C GLN B 207 26.06 13.06 -14.85
ZN ZN E . -0.98 0.72 6.22
ZN ZN F . 0.73 -2.93 -5.49
#